data_5CBK
#
_entry.id   5CBK
#
_cell.length_a   102.282
_cell.length_b   102.282
_cell.length_c   101.734
_cell.angle_alpha   90.00
_cell.angle_beta   90.00
_cell.angle_gamma   120.00
#
_symmetry.space_group_name_H-M   'P 65 2 2'
#
loop_
_entity.id
_entity.type
_entity.pdbx_description
1 polymer ShHTL5
2 non-polymer 'MAGNESIUM ION'
3 non-polymer 3,6,9,12,15,18,21,24,27,30,33,36,39-TRIDECAOXAHENTETRACONTANE-1,41-DIOL
4 non-polymer 'CHLORIDE ION'
5 water water
#
_entity_poly.entity_id   1
_entity_poly.type   'polypeptide(L)'
_entity_poly.pdbx_seq_one_letter_code
;MSTVGSAHNVTVLGSGETTVVLGHGFGTDQSVWKYLVPHLTDDYRVLLYDNMGAGTTDPNLYDFERYSSLEGHSQDLIAI
LEEFHVTKCIFVGHSLSSMVGAVSSIFRPDLFRKIVMISACPRVANADDYYGGFEEEDVNQLYGAMEENFQTMMTGYAPI
VVGGDLESEAMQEFSRTLFNMRPDIALSICRMISGYDLRPYLGLVVIPCHIIQSSKDKLVPVAVAEYLHRNFGGKSVVEL
IPTEGHLPHLSAPDITIPVLIRHINQDIADD
;
_entity_poly.pdbx_strand_id   A
#
# COMPACT_ATOMS: atom_id res chain seq x y z
N MET A 1 21.81 5.11 -13.43
CA MET A 1 22.14 4.11 -14.44
C MET A 1 21.09 3.01 -14.50
N SER A 2 20.69 2.51 -13.34
CA SER A 2 19.77 1.38 -13.25
C SER A 2 18.46 1.62 -13.98
N THR A 3 18.12 0.70 -14.88
CA THR A 3 16.86 0.76 -15.61
C THR A 3 15.69 0.59 -14.65
N VAL A 4 15.80 -0.38 -13.76
CA VAL A 4 14.78 -0.65 -12.77
C VAL A 4 14.65 0.52 -11.79
N GLY A 5 15.78 1.09 -11.42
CA GLY A 5 15.81 2.19 -10.47
C GLY A 5 15.15 3.46 -10.96
N SER A 6 15.35 3.78 -12.24
CA SER A 6 14.77 4.99 -12.81
C SER A 6 13.30 4.81 -13.17
N ALA A 7 12.93 3.59 -13.51
CA ALA A 7 11.55 3.27 -13.88
C ALA A 7 10.59 3.44 -12.70
N HIS A 8 11.07 3.13 -11.51
CA HIS A 8 10.26 3.24 -10.30
C HIS A 8 10.68 4.41 -9.43
N ASN A 9 11.55 5.26 -9.97
CA ASN A 9 12.02 6.46 -9.29
C ASN A 9 12.57 6.17 -7.90
N VAL A 10 13.40 5.14 -7.80
CA VAL A 10 13.91 4.67 -6.53
C VAL A 10 14.80 5.72 -5.85
N THR A 11 14.50 5.99 -4.58
CA THR A 11 15.29 6.91 -3.77
C THR A 11 15.85 6.20 -2.54
N VAL A 12 17.15 6.31 -2.32
CA VAL A 12 17.79 5.69 -1.17
C VAL A 12 18.27 6.76 -0.18
N LEU A 13 17.89 6.60 1.08
CA LEU A 13 18.23 7.58 2.11
C LEU A 13 18.78 6.90 3.36
N GLY A 14 19.57 7.64 4.13
CA GLY A 14 20.11 7.14 5.39
C GLY A 14 21.10 6.01 5.23
N SER A 15 21.34 5.30 6.32
CA SER A 15 22.27 4.17 6.32
C SER A 15 21.99 3.21 7.48
N GLY A 16 22.47 1.99 7.35
CA GLY A 16 22.27 0.97 8.36
C GLY A 16 22.35 -0.42 7.75
N GLU A 17 22.48 -1.43 8.60
CA GLU A 17 22.59 -2.81 8.14
C GLU A 17 21.23 -3.42 7.84
N THR A 18 20.17 -2.72 8.27
CA THR A 18 18.80 -3.13 7.96
C THR A 18 18.17 -2.10 7.03
N THR A 19 17.49 -2.58 6.00
CA THR A 19 16.85 -1.69 5.03
C THR A 19 15.34 -1.66 5.22
N VAL A 20 14.79 -0.45 5.32
CA VAL A 20 13.35 -0.27 5.36
C VAL A 20 12.86 0.12 3.97
N VAL A 21 11.97 -0.69 3.41
CA VAL A 21 11.41 -0.42 2.09
C VAL A 21 10.01 0.17 2.21
N LEU A 22 9.81 1.33 1.60
CA LEU A 22 8.53 2.04 1.67
C LEU A 22 7.75 1.95 0.37
N GLY A 23 6.56 1.36 0.42
CA GLY A 23 5.69 1.28 -0.73
C GLY A 23 4.44 2.12 -0.53
N HIS A 24 3.86 2.61 -1.62
CA HIS A 24 2.69 3.46 -1.55
C HIS A 24 1.45 2.79 -2.13
N GLY A 25 0.30 3.41 -1.92
CA GLY A 25 -0.97 2.88 -2.41
C GLY A 25 -1.42 3.54 -3.69
N PHE A 26 -2.62 3.17 -4.15
CA PHE A 26 -3.17 3.71 -5.38
C PHE A 26 -3.50 5.19 -5.26
N GLY A 27 -3.15 5.95 -6.30
CA GLY A 27 -3.50 7.36 -6.35
C GLY A 27 -2.40 8.29 -5.87
N THR A 28 -1.42 7.73 -5.19
CA THR A 28 -0.32 8.52 -4.66
C THR A 28 1.03 7.97 -5.12
N ASP A 29 2.11 8.47 -4.52
CA ASP A 29 3.44 7.96 -4.80
C ASP A 29 4.31 8.02 -3.55
N GLN A 30 5.62 7.89 -3.71
CA GLN A 30 6.53 7.78 -2.56
C GLN A 30 6.60 9.06 -1.73
N SER A 31 6.02 10.15 -2.24
CA SER A 31 5.99 11.40 -1.50
C SER A 31 5.04 11.31 -0.31
N VAL A 32 4.21 10.27 -0.29
CA VAL A 32 3.26 10.05 0.78
C VAL A 32 3.98 9.68 2.09
N TRP A 33 5.27 9.38 1.99
CA TRP A 33 6.04 8.94 3.15
C TRP A 33 6.96 10.02 3.72
N LYS A 34 6.72 11.27 3.33
CA LYS A 34 7.64 12.35 3.68
C LYS A 34 7.74 12.61 5.19
N TYR A 35 6.69 12.29 5.93
CA TYR A 35 6.69 12.51 7.37
C TYR A 35 7.39 11.39 8.14
N LEU A 36 7.46 10.21 7.55
CA LEU A 36 8.07 9.05 8.20
C LEU A 36 9.59 9.01 8.04
N VAL A 37 10.04 9.35 6.83
CA VAL A 37 11.45 9.24 6.46
C VAL A 37 12.50 9.86 7.42
N PRO A 38 12.31 11.12 7.86
N PRO A 38 12.31 11.12 7.86
CA PRO A 38 13.36 11.71 8.69
CA PRO A 38 13.35 11.72 8.70
C PRO A 38 13.51 11.04 10.06
C PRO A 38 13.53 11.00 10.04
N HIS A 39 12.59 10.14 10.40
CA HIS A 39 12.65 9.42 11.67
C HIS A 39 13.25 8.03 11.50
N LEU A 40 13.73 7.73 10.30
CA LEU A 40 14.27 6.39 10.00
C LEU A 40 15.72 6.43 9.54
N THR A 41 16.10 7.51 8.86
CA THR A 41 17.38 7.58 8.16
C THR A 41 18.61 7.48 9.08
N ASP A 42 18.43 7.73 10.37
CA ASP A 42 19.54 7.65 11.31
C ASP A 42 19.85 6.21 11.70
N ASP A 43 18.83 5.35 11.65
CA ASP A 43 18.98 3.97 12.10
C ASP A 43 18.87 2.96 10.97
N TYR A 44 18.28 3.38 9.86
CA TYR A 44 18.03 2.46 8.75
C TYR A 44 18.45 3.04 7.40
N ARG A 45 18.79 2.15 6.48
CA ARG A 45 18.83 2.53 5.07
C ARG A 45 17.39 2.52 4.57
N VAL A 46 16.96 3.61 3.96
CA VAL A 46 15.57 3.73 3.54
C VAL A 46 15.44 3.77 2.02
N LEU A 47 14.70 2.81 1.49
CA LEU A 47 14.46 2.75 0.05
C LEU A 47 13.00 3.02 -0.26
N LEU A 48 12.76 4.01 -1.11
CA LEU A 48 11.41 4.33 -1.57
C LEU A 48 11.30 4.06 -3.06
N TYR A 49 10.11 3.62 -3.50
CA TYR A 49 9.89 3.34 -4.91
C TYR A 49 8.44 3.63 -5.30
N ASP A 50 8.24 3.96 -6.57
CA ASP A 50 6.90 4.19 -7.10
C ASP A 50 6.39 2.95 -7.81
N ASN A 51 5.12 2.61 -7.58
CA ASN A 51 4.47 1.55 -8.32
C ASN A 51 4.40 1.92 -9.79
N MET A 52 4.57 0.93 -10.67
CA MET A 52 4.43 1.21 -12.09
C MET A 52 2.96 1.53 -12.39
N GLY A 53 2.74 2.67 -13.03
CA GLY A 53 1.39 3.14 -13.29
C GLY A 53 1.10 4.42 -12.55
N ALA A 54 1.89 4.71 -11.53
CA ALA A 54 1.78 5.97 -10.81
C ALA A 54 2.07 7.14 -11.75
N GLY A 55 1.54 8.30 -11.43
CA GLY A 55 1.69 9.48 -12.28
C GLY A 55 3.13 9.90 -12.50
N THR A 56 4.01 9.46 -11.62
CA THR A 56 5.43 9.81 -11.70
C THR A 56 6.22 8.84 -12.58
N THR A 57 5.56 7.81 -13.10
CA THR A 57 6.25 6.81 -13.93
C THR A 57 5.90 6.94 -15.41
N ASP A 58 6.76 6.39 -16.25
CA ASP A 58 6.58 6.42 -17.70
C ASP A 58 5.43 5.52 -18.13
N PRO A 59 4.35 6.10 -18.69
CA PRO A 59 3.17 5.36 -19.13
C PRO A 59 3.48 4.28 -20.17
N ASN A 60 4.55 4.47 -20.94
CA ASN A 60 4.95 3.49 -21.94
C ASN A 60 5.44 2.20 -21.29
N LEU A 61 5.85 2.29 -20.03
CA LEU A 61 6.35 1.13 -19.30
C LEU A 61 5.23 0.38 -18.60
N TYR A 62 4.01 0.86 -18.71
CA TYR A 62 2.87 0.18 -18.09
C TYR A 62 2.31 -0.90 -18.99
N ASP A 63 2.78 -2.13 -18.80
CA ASP A 63 2.29 -3.28 -19.53
C ASP A 63 0.90 -3.66 -19.01
N PHE A 64 -0.13 -3.34 -19.80
CA PHE A 64 -1.51 -3.52 -19.37
C PHE A 64 -1.86 -4.96 -19.02
N GLU A 65 -1.23 -5.92 -19.70
CA GLU A 65 -1.50 -7.34 -19.45
C GLU A 65 -0.69 -7.84 -18.25
N ARG A 66 0.56 -7.42 -18.15
CA ARG A 66 1.42 -7.82 -17.05
C ARG A 66 0.93 -7.25 -15.73
N TYR A 67 0.32 -6.07 -15.78
CA TYR A 67 -0.18 -5.42 -14.58
C TYR A 67 -1.69 -5.63 -14.42
N SER A 68 -2.25 -6.56 -15.19
CA SER A 68 -3.64 -6.94 -15.03
C SER A 68 -3.77 -7.88 -13.83
N SER A 69 -2.64 -8.41 -13.40
CA SER A 69 -2.58 -9.25 -12.21
C SER A 69 -1.71 -8.59 -11.15
N LEU A 70 -1.95 -8.94 -9.89
CA LEU A 70 -1.17 -8.38 -8.78
C LEU A 70 0.27 -8.89 -8.83
N GLU A 71 0.45 -10.09 -9.36
CA GLU A 71 1.75 -10.73 -9.41
C GLU A 71 2.74 -9.95 -10.27
N GLY A 72 2.21 -9.19 -11.23
CA GLY A 72 3.04 -8.36 -12.09
C GLY A 72 3.79 -7.30 -11.31
N HIS A 73 3.14 -6.71 -10.33
CA HIS A 73 3.77 -5.70 -9.48
C HIS A 73 4.76 -6.36 -8.52
N SER A 74 4.48 -7.61 -8.15
CA SER A 74 5.35 -8.36 -7.26
C SER A 74 6.72 -8.59 -7.92
N GLN A 75 6.70 -8.86 -9.22
CA GLN A 75 7.94 -9.06 -9.97
C GLN A 75 8.78 -7.78 -9.98
N ASP A 76 8.09 -6.65 -10.09
CA ASP A 76 8.76 -5.34 -10.06
C ASP A 76 9.49 -5.14 -8.73
N LEU A 77 8.78 -5.40 -7.63
CA LEU A 77 9.35 -5.22 -6.30
C LEU A 77 10.58 -6.08 -6.08
N ILE A 78 10.49 -7.35 -6.46
CA ILE A 78 11.59 -8.28 -6.31
C ILE A 78 12.81 -7.81 -7.11
N ALA A 79 12.56 -7.30 -8.31
CA ALA A 79 13.62 -6.76 -9.16
C ALA A 79 14.30 -5.55 -8.52
N ILE A 80 13.49 -4.69 -7.90
CA ILE A 80 14.02 -3.51 -7.22
C ILE A 80 14.90 -3.90 -6.04
N LEU A 81 14.45 -4.88 -5.27
CA LEU A 81 15.18 -5.34 -4.10
C LEU A 81 16.50 -6.00 -4.50
N GLU A 82 16.48 -6.76 -5.60
CA GLU A 82 17.68 -7.40 -6.10
C GLU A 82 18.67 -6.38 -6.64
N GLU A 83 18.15 -5.41 -7.38
CA GLU A 83 18.99 -4.38 -8.00
C GLU A 83 19.75 -3.55 -6.97
N PHE A 84 19.12 -3.30 -5.83
CA PHE A 84 19.74 -2.47 -4.80
C PHE A 84 20.27 -3.29 -3.63
N HIS A 85 20.47 -4.58 -3.87
CA HIS A 85 21.11 -5.48 -2.90
C HIS A 85 20.40 -5.48 -1.55
N VAL A 86 19.11 -5.74 -1.55
CA VAL A 86 18.31 -5.70 -0.33
C VAL A 86 17.90 -7.11 0.11
N THR A 87 18.29 -7.49 1.31
CA THR A 87 17.91 -8.78 1.87
C THR A 87 17.30 -8.61 3.26
N LYS A 88 16.29 -9.42 3.55
CA LYS A 88 15.62 -9.44 4.85
C LYS A 88 15.19 -8.05 5.29
N CYS A 89 14.53 -7.34 4.38
CA CYS A 89 14.14 -5.96 4.65
C CYS A 89 12.93 -5.87 5.56
N ILE A 90 12.74 -4.71 6.16
CA ILE A 90 11.49 -4.38 6.81
C ILE A 90 10.62 -3.66 5.80
N PHE A 91 9.66 -4.38 5.22
CA PHE A 91 8.81 -3.80 4.20
C PHE A 91 7.62 -3.07 4.80
N VAL A 92 7.58 -1.76 4.59
CA VAL A 92 6.47 -0.94 5.05
C VAL A 92 5.62 -0.52 3.86
N GLY A 93 4.51 -1.23 3.64
CA GLY A 93 3.69 -1.00 2.47
C GLY A 93 2.34 -0.39 2.78
N HIS A 94 1.98 0.63 2.01
CA HIS A 94 0.68 1.26 2.15
C HIS A 94 -0.31 0.68 1.16
N SER A 95 -1.40 0.12 1.68
CA SER A 95 -2.49 -0.40 0.86
C SER A 95 -2.03 -1.43 -0.17
N LEU A 96 -2.09 -1.05 -1.44
CA LEU A 96 -1.77 -1.94 -2.55
C LEU A 96 -0.39 -2.57 -2.43
N SER A 97 0.61 -1.75 -2.14
CA SER A 97 1.99 -2.22 -2.03
C SER A 97 2.17 -3.25 -0.92
N SER A 98 1.34 -3.15 0.11
CA SER A 98 1.41 -4.09 1.23
C SER A 98 1.03 -5.50 0.79
N MET A 99 0.03 -5.58 -0.09
CA MET A 99 -0.37 -6.87 -0.64
C MET A 99 0.65 -7.35 -1.66
N VAL A 100 1.29 -6.42 -2.35
CA VAL A 100 2.36 -6.74 -3.29
C VAL A 100 3.54 -7.35 -2.54
N GLY A 101 3.88 -6.73 -1.42
CA GLY A 101 4.96 -7.23 -0.58
C GLY A 101 4.64 -8.57 0.06
N ALA A 102 3.37 -8.75 0.42
CA ALA A 102 2.92 -10.01 1.02
C ALA A 102 3.10 -11.16 0.04
N VAL A 103 2.64 -10.96 -1.19
CA VAL A 103 2.79 -11.96 -2.23
C VAL A 103 4.26 -12.20 -2.54
N SER A 104 5.02 -11.12 -2.61
CA SER A 104 6.44 -11.19 -2.91
C SER A 104 7.22 -11.96 -1.84
N SER A 105 6.77 -11.85 -0.60
CA SER A 105 7.45 -12.52 0.52
C SER A 105 7.29 -14.03 0.42
N ILE A 106 6.22 -14.48 -0.23
CA ILE A 106 5.99 -15.90 -0.45
C ILE A 106 6.97 -16.45 -1.48
N PHE A 107 7.15 -15.70 -2.56
CA PHE A 107 8.08 -16.08 -3.62
C PHE A 107 9.52 -16.00 -3.16
N ARG A 108 9.84 -14.96 -2.39
CA ARG A 108 11.21 -14.71 -1.97
C ARG A 108 11.31 -14.35 -0.49
N PRO A 109 11.28 -15.38 0.37
CA PRO A 109 11.42 -15.18 1.83
C PRO A 109 12.73 -14.51 2.22
N ASP A 110 13.76 -14.67 1.38
CA ASP A 110 15.08 -14.13 1.65
C ASP A 110 15.12 -12.61 1.59
N LEU A 111 14.17 -12.01 0.86
CA LEU A 111 14.17 -10.56 0.68
C LEU A 111 13.39 -9.84 1.77
N PHE A 112 12.62 -10.59 2.57
CA PHE A 112 11.74 -10.00 3.55
C PHE A 112 11.91 -10.60 4.94
N ARG A 113 12.03 -9.74 5.95
CA ARG A 113 12.06 -10.19 7.34
C ARG A 113 10.67 -10.08 7.96
N LYS A 114 10.03 -8.94 7.76
CA LYS A 114 8.67 -8.72 8.24
C LYS A 114 7.99 -7.61 7.44
N ILE A 115 6.68 -7.50 7.60
CA ILE A 115 5.91 -6.49 6.88
C ILE A 115 5.09 -5.62 7.82
N VAL A 116 5.22 -4.31 7.66
CA VAL A 116 4.33 -3.37 8.33
C VAL A 116 3.38 -2.80 7.28
N MET A 117 2.09 -3.07 7.44
CA MET A 117 1.12 -2.67 6.43
C MET A 117 0.15 -1.61 6.95
N ILE A 118 -0.21 -0.68 6.07
CA ILE A 118 -1.15 0.37 6.40
C ILE A 118 -2.34 0.35 5.45
N SER A 119 -3.54 0.27 6.01
CA SER A 119 -4.77 0.22 5.24
C SER A 119 -4.79 -0.95 4.26
N ALA A 120 -4.27 -2.09 4.70
CA ALA A 120 -4.20 -3.27 3.85
C ALA A 120 -5.58 -3.87 3.61
N CYS A 121 -5.75 -4.45 2.42
CA CYS A 121 -7.02 -5.06 2.05
C CYS A 121 -6.81 -6.22 1.08
N PRO A 122 -7.13 -7.45 1.52
CA PRO A 122 -6.95 -8.67 0.74
C PRO A 122 -8.04 -8.87 -0.32
N ARG A 123 -9.16 -8.15 -0.16
CA ARG A 123 -10.28 -8.23 -1.08
C ARG A 123 -11.27 -7.09 -0.81
N VAL A 124 -11.60 -6.34 -1.86
CA VAL A 124 -12.49 -5.19 -1.73
C VAL A 124 -13.93 -5.60 -1.43
N ALA A 125 -14.48 -6.47 -2.26
CA ALA A 125 -15.89 -6.84 -2.18
C ALA A 125 -16.18 -7.79 -1.02
N ASN A 126 -17.40 -7.70 -0.50
CA ASN A 126 -17.85 -8.60 0.56
C ASN A 126 -18.03 -10.02 0.06
N ALA A 127 -17.86 -10.98 0.97
CA ALA A 127 -18.16 -12.37 0.66
C ALA A 127 -18.80 -13.01 1.88
N ASP A 128 -18.99 -14.31 1.85
CA ASP A 128 -19.47 -15.00 3.03
C ASP A 128 -18.39 -14.98 4.11
N ASP A 129 -18.82 -14.65 5.32
CA ASP A 129 -17.96 -14.44 6.50
C ASP A 129 -16.71 -13.60 6.21
N TYR A 130 -16.79 -12.75 5.20
CA TYR A 130 -15.77 -11.73 4.98
C TYR A 130 -16.43 -10.39 4.67
N TYR A 131 -16.10 -9.38 5.46
CA TYR A 131 -16.68 -8.06 5.28
C TYR A 131 -15.63 -7.08 4.76
N GLY A 132 -15.75 -6.70 3.49
CA GLY A 132 -14.84 -5.76 2.88
C GLY A 132 -15.34 -4.33 2.92
N GLY A 133 -16.64 -4.17 3.18
CA GLY A 133 -17.24 -2.85 3.27
C GLY A 133 -18.06 -2.47 2.05
N PHE A 134 -17.96 -3.29 1.00
CA PHE A 134 -18.68 -3.03 -0.24
C PHE A 134 -19.24 -4.31 -0.83
N GLU A 135 -20.48 -4.24 -1.33
CA GLU A 135 -21.07 -5.37 -2.02
C GLU A 135 -20.46 -5.49 -3.41
N GLU A 136 -20.33 -6.73 -3.89
CA GLU A 136 -19.62 -7.01 -5.14
C GLU A 136 -20.25 -6.33 -6.35
N GLU A 137 -21.58 -6.36 -6.44
CA GLU A 137 -22.25 -5.75 -7.59
C GLU A 137 -22.19 -4.23 -7.52
N ASP A 138 -22.07 -3.68 -6.32
CA ASP A 138 -21.89 -2.25 -6.14
C ASP A 138 -20.51 -1.83 -6.65
N VAL A 139 -19.51 -2.66 -6.36
CA VAL A 139 -18.15 -2.41 -6.82
C VAL A 139 -18.11 -2.39 -8.34
N ASN A 140 -18.81 -3.35 -8.96
CA ASN A 140 -18.84 -3.47 -10.41
C ASN A 140 -19.51 -2.27 -11.08
N GLN A 141 -20.57 -1.76 -10.47
CA GLN A 141 -21.29 -0.61 -11.00
C GLN A 141 -20.46 0.66 -10.85
N LEU A 142 -19.73 0.76 -9.75
CA LEU A 142 -18.87 1.91 -9.50
C LEU A 142 -17.72 1.95 -10.49
N TYR A 143 -17.20 0.78 -10.84
CA TYR A 143 -16.13 0.69 -11.84
C TYR A 143 -16.64 1.10 -13.21
N GLY A 144 -17.85 0.66 -13.55
CA GLY A 144 -18.45 0.99 -14.83
C GLY A 144 -18.70 2.48 -14.97
N ALA A 145 -19.09 3.11 -13.87
CA ALA A 145 -19.32 4.56 -13.86
C ALA A 145 -17.99 5.30 -14.00
N MET A 146 -16.93 4.71 -13.48
CA MET A 146 -15.59 5.29 -13.56
C MET A 146 -15.13 5.31 -15.02
N GLU A 147 -15.63 4.39 -15.81
CA GLU A 147 -15.30 4.34 -17.24
C GLU A 147 -16.00 5.43 -18.01
N GLU A 148 -17.30 5.58 -17.78
CA GLU A 148 -18.11 6.58 -18.49
C GLU A 148 -17.70 8.00 -18.16
N ASN A 149 -17.65 8.32 -16.87
CA ASN A 149 -17.25 9.65 -16.43
CA ASN A 149 -17.25 9.65 -16.43
C ASN A 149 -16.09 9.57 -15.43
N PHE A 150 -14.88 9.45 -15.96
CA PHE A 150 -13.66 9.31 -15.16
C PHE A 150 -13.41 10.53 -14.26
N GLN A 151 -13.62 11.72 -14.82
CA GLN A 151 -13.32 12.95 -14.11
C GLN A 151 -14.13 13.11 -12.82
N THR A 152 -15.44 12.93 -12.92
CA THR A 152 -16.32 13.14 -11.78
C THR A 152 -16.17 12.06 -10.70
N MET A 153 -15.88 10.83 -11.13
CA MET A 153 -15.67 9.74 -10.19
C MET A 153 -14.37 9.92 -9.42
N MET A 154 -13.32 10.32 -10.12
CA MET A 154 -12.04 10.57 -9.48
C MET A 154 -12.12 11.79 -8.56
N THR A 155 -12.97 12.74 -8.93
CA THR A 155 -13.18 13.95 -8.14
C THR A 155 -13.81 13.60 -6.79
N GLY A 156 -14.73 12.63 -6.80
CA GLY A 156 -15.39 12.20 -5.58
C GLY A 156 -14.59 11.15 -4.83
N TYR A 157 -13.68 10.49 -5.52
CA TYR A 157 -12.87 9.43 -4.92
C TYR A 157 -11.87 10.01 -3.92
N ALA A 158 -11.35 11.20 -4.22
CA ALA A 158 -10.34 11.82 -3.36
C ALA A 158 -10.85 12.13 -1.93
N PRO A 159 -12.06 12.73 -1.80
CA PRO A 159 -12.52 12.95 -0.42
C PRO A 159 -12.79 11.65 0.33
N ILE A 160 -13.24 10.62 -0.39
CA ILE A 160 -13.52 9.32 0.21
C ILE A 160 -12.24 8.71 0.79
N VAL A 161 -11.15 8.84 0.03
CA VAL A 161 -9.86 8.34 0.45
C VAL A 161 -9.30 9.12 1.64
N VAL A 162 -9.18 10.43 1.47
CA VAL A 162 -8.60 11.29 2.51
C VAL A 162 -9.46 11.23 3.78
N GLY A 163 -10.77 11.19 3.60
CA GLY A 163 -11.68 10.92 4.71
C GLY A 163 -11.99 12.08 5.63
N GLY A 164 -13.01 11.89 6.47
CA GLY A 164 -13.48 12.91 7.39
C GLY A 164 -13.66 14.28 6.77
N ASP A 165 -13.39 15.30 7.57
CA ASP A 165 -13.23 16.67 7.10
C ASP A 165 -11.73 16.79 6.80
N LEU A 166 -11.26 17.77 6.03
CA LEU A 166 -12.03 18.58 5.10
C LEU A 166 -11.05 18.97 3.96
N GLU A 167 -11.21 20.14 3.34
CA GLU A 167 -10.14 20.67 2.48
C GLU A 167 -8.89 20.84 3.32
N SER A 168 -7.94 19.91 3.17
CA SER A 168 -6.76 19.88 4.01
C SER A 168 -5.48 19.66 3.22
N GLU A 169 -4.43 19.26 3.92
CA GLU A 169 -3.15 18.97 3.30
C GLU A 169 -3.25 17.74 2.42
N ALA A 170 -3.69 16.64 3.00
CA ALA A 170 -3.78 15.37 2.30
C ALA A 170 -4.79 15.44 1.16
N MET A 171 -5.84 16.23 1.34
CA MET A 171 -6.89 16.37 0.34
C MET A 171 -6.34 16.90 -0.99
N GLN A 172 -5.73 18.07 -0.94
CA GLN A 172 -5.17 18.71 -2.13
C GLN A 172 -4.03 17.90 -2.73
N GLU A 173 -3.21 17.29 -1.86
CA GLU A 173 -2.04 16.56 -2.31
C GLU A 173 -2.41 15.24 -2.97
N PHE A 174 -3.33 14.49 -2.38
CA PHE A 174 -3.77 13.23 -2.96
C PHE A 174 -4.51 13.46 -4.27
N SER A 175 -5.30 14.53 -4.31
CA SER A 175 -6.04 14.90 -5.51
C SER A 175 -5.07 15.26 -6.64
N ARG A 176 -3.97 15.90 -6.28
CA ARG A 176 -2.94 16.26 -7.25
C ARG A 176 -2.31 15.03 -7.87
N THR A 177 -1.89 14.09 -7.04
CA THR A 177 -1.22 12.88 -7.51
C THR A 177 -2.19 11.94 -8.20
N LEU A 178 -3.46 11.99 -7.81
CA LEU A 178 -4.49 11.15 -8.41
C LEU A 178 -4.73 11.51 -9.87
N PHE A 179 -4.67 12.79 -10.19
CA PHE A 179 -4.97 13.27 -11.53
C PHE A 179 -3.72 13.38 -12.40
N ASN A 180 -2.58 12.98 -11.87
CA ASN A 180 -1.35 12.92 -12.67
C ASN A 180 -1.22 11.57 -13.36
N MET A 181 -2.08 10.63 -12.99
CA MET A 181 -2.14 9.34 -13.65
C MET A 181 -2.83 9.45 -15.00
N ARG A 182 -2.40 8.66 -15.96
CA ARG A 182 -3.13 8.57 -17.22
C ARG A 182 -4.40 7.78 -16.97
N PRO A 183 -5.54 8.32 -17.40
CA PRO A 183 -6.88 7.77 -17.13
C PRO A 183 -7.00 6.26 -17.39
N ASP A 184 -6.54 5.80 -18.55
CA ASP A 184 -6.64 4.38 -18.89
C ASP A 184 -5.78 3.52 -17.98
N ILE A 185 -4.65 4.07 -17.53
CA ILE A 185 -3.76 3.36 -16.62
C ILE A 185 -4.39 3.24 -15.24
N ALA A 186 -4.95 4.34 -14.74
CA ALA A 186 -5.63 4.36 -13.45
C ALA A 186 -6.83 3.42 -13.45
N LEU A 187 -7.51 3.35 -14.59
CA LEU A 187 -8.65 2.46 -14.74
C LEU A 187 -8.20 1.00 -14.69
N SER A 188 -7.03 0.73 -15.26
CA SER A 188 -6.47 -0.61 -15.28
C SER A 188 -6.11 -1.09 -13.88
N ILE A 189 -5.52 -0.20 -13.08
CA ILE A 189 -5.13 -0.52 -11.72
C ILE A 189 -6.34 -0.83 -10.86
N CYS A 190 -7.39 -0.02 -10.99
CA CYS A 190 -8.62 -0.22 -10.24
C CYS A 190 -9.29 -1.54 -10.59
N ARG A 191 -9.23 -1.91 -11.87
CA ARG A 191 -9.78 -3.18 -12.32
C ARG A 191 -9.03 -4.35 -11.69
N MET A 192 -7.71 -4.20 -11.59
CA MET A 192 -6.87 -5.22 -10.97
C MET A 192 -7.13 -5.28 -9.47
N ILE A 193 -7.21 -4.11 -8.84
CA ILE A 193 -7.40 -4.02 -7.40
C ILE A 193 -8.76 -4.59 -6.98
N SER A 194 -9.82 -4.17 -7.65
CA SER A 194 -11.16 -4.65 -7.35
C SER A 194 -11.33 -6.10 -7.76
N GLY A 195 -10.35 -6.63 -8.47
CA GLY A 195 -10.43 -7.98 -8.99
C GLY A 195 -9.72 -9.05 -8.18
N TYR A 196 -8.69 -8.67 -7.42
CA TYR A 196 -7.89 -9.68 -6.73
C TYR A 196 -8.55 -10.21 -5.46
N ASP A 197 -8.02 -11.33 -4.98
CA ASP A 197 -8.52 -11.98 -3.77
C ASP A 197 -7.39 -12.77 -3.12
N LEU A 198 -6.81 -12.22 -2.07
CA LEU A 198 -5.64 -12.84 -1.43
C LEU A 198 -6.01 -13.74 -0.27
N ARG A 199 -7.30 -13.83 0.03
CA ARG A 199 -7.79 -14.65 1.14
C ARG A 199 -7.28 -16.10 1.16
N PRO A 200 -7.27 -16.80 0.00
CA PRO A 200 -6.76 -18.17 0.08
C PRO A 200 -5.23 -18.24 0.25
N TYR A 201 -4.55 -17.11 0.10
CA TYR A 201 -3.10 -17.09 0.14
C TYR A 201 -2.57 -16.54 1.46
N LEU A 202 -3.46 -16.05 2.31
CA LEU A 202 -3.07 -15.42 3.57
C LEU A 202 -2.33 -16.37 4.50
N GLY A 203 -2.71 -17.64 4.49
CA GLY A 203 -2.07 -18.65 5.32
C GLY A 203 -0.64 -18.92 4.88
N LEU A 204 -0.30 -18.53 3.66
CA LEU A 204 1.02 -18.77 3.12
C LEU A 204 1.99 -17.64 3.48
N VAL A 205 1.44 -16.49 3.87
CA VAL A 205 2.26 -15.41 4.39
C VAL A 205 2.69 -15.76 5.80
N VAL A 206 3.97 -16.08 5.98
CA VAL A 206 4.45 -16.65 7.24
C VAL A 206 5.36 -15.72 8.03
N ILE A 207 5.85 -14.66 7.38
CA ILE A 207 6.69 -13.69 8.07
C ILE A 207 5.82 -12.77 8.92
N PRO A 208 6.39 -12.20 9.99
CA PRO A 208 5.62 -11.31 10.87
C PRO A 208 4.96 -10.15 10.13
N CYS A 209 3.69 -9.90 10.43
CA CYS A 209 2.93 -8.83 9.79
C CYS A 209 2.34 -7.87 10.80
N HIS A 210 2.76 -6.61 10.73
CA HIS A 210 2.19 -5.58 11.59
C HIS A 210 1.04 -4.88 10.86
N ILE A 211 -0.17 -5.06 11.37
CA ILE A 211 -1.37 -4.59 10.70
C ILE A 211 -1.85 -3.25 11.28
N ILE A 212 -1.65 -2.19 10.52
CA ILE A 212 -2.00 -0.84 10.97
C ILE A 212 -3.07 -0.25 10.06
N GLN A 213 -4.07 0.39 10.66
CA GLN A 213 -5.09 1.10 9.89
C GLN A 213 -5.86 2.07 10.76
N SER A 214 -6.47 3.07 10.13
CA SER A 214 -7.26 4.04 10.86
C SER A 214 -8.58 3.43 11.31
N SER A 215 -9.14 3.97 12.38
CA SER A 215 -10.39 3.45 12.94
C SER A 215 -11.59 3.77 12.06
N LYS A 216 -11.42 4.72 11.15
CA LYS A 216 -12.50 5.12 10.27
C LYS A 216 -12.03 5.27 8.83
N ASP A 217 -11.71 4.15 8.20
CA ASP A 217 -11.33 4.13 6.80
C ASP A 217 -12.50 3.59 5.98
N LYS A 218 -13.08 4.44 5.14
CA LYS A 218 -14.23 4.06 4.32
C LYS A 218 -13.86 2.93 3.36
N LEU A 219 -12.61 2.89 2.94
CA LEU A 219 -12.14 1.87 2.01
C LEU A 219 -11.79 0.57 2.73
N VAL A 220 -11.37 0.69 3.98
CA VAL A 220 -10.98 -0.49 4.77
C VAL A 220 -11.59 -0.47 6.16
N PRO A 221 -12.69 -1.20 6.35
CA PRO A 221 -13.31 -1.32 7.68
C PRO A 221 -12.40 -2.05 8.67
N VAL A 222 -12.63 -1.83 9.96
CA VAL A 222 -11.82 -2.43 11.02
C VAL A 222 -11.84 -3.96 10.94
N ALA A 223 -12.97 -4.51 10.50
CA ALA A 223 -13.13 -5.96 10.39
C ALA A 223 -12.08 -6.59 9.48
N VAL A 224 -11.59 -5.82 8.51
CA VAL A 224 -10.57 -6.31 7.59
C VAL A 224 -9.25 -6.55 8.33
N ALA A 225 -8.87 -5.62 9.20
CA ALA A 225 -7.65 -5.75 9.99
C ALA A 225 -7.74 -6.96 10.91
N GLU A 226 -8.92 -7.20 11.46
CA GLU A 226 -9.14 -8.33 12.35
C GLU A 226 -9.16 -9.64 11.58
N TYR A 227 -9.53 -9.57 10.31
CA TYR A 227 -9.55 -10.75 9.45
C TYR A 227 -8.12 -11.17 9.10
N LEU A 228 -7.28 -10.18 8.81
CA LEU A 228 -5.88 -10.43 8.49
C LEU A 228 -5.14 -11.01 9.70
N HIS A 229 -5.42 -10.45 10.87
CA HIS A 229 -4.82 -10.87 12.13
C HIS A 229 -5.10 -12.34 12.43
N ARG A 230 -6.23 -12.82 11.92
CA ARG A 230 -6.68 -14.18 12.22
C ARG A 230 -6.24 -15.17 11.15
N ASN A 231 -6.05 -14.69 9.92
CA ASN A 231 -5.79 -15.58 8.80
C ASN A 231 -4.35 -15.58 8.27
N PHE A 232 -3.52 -14.66 8.76
CA PHE A 232 -2.11 -14.67 8.39
C PHE A 232 -1.44 -15.93 8.93
N GLY A 233 -0.50 -16.47 8.17
CA GLY A 233 0.11 -17.75 8.49
C GLY A 233 1.08 -17.74 9.65
N GLY A 234 1.71 -16.59 9.90
CA GLY A 234 2.70 -16.49 10.96
C GLY A 234 2.29 -15.49 12.03
N LYS A 235 3.28 -14.82 12.61
CA LYS A 235 3.01 -13.82 13.64
C LYS A 235 2.32 -12.60 13.07
N SER A 236 1.47 -11.97 13.87
CA SER A 236 0.79 -10.76 13.46
C SER A 236 0.36 -9.94 14.67
N VAL A 237 0.15 -8.65 14.45
CA VAL A 237 -0.29 -7.73 15.50
C VAL A 237 -1.14 -6.62 14.87
N VAL A 238 -2.11 -6.11 15.63
CA VAL A 238 -3.00 -5.08 15.13
C VAL A 238 -3.00 -3.83 16.02
N GLU A 239 -2.88 -2.67 15.39
CA GLU A 239 -3.06 -1.41 16.10
C GLU A 239 -3.86 -0.43 15.25
N LEU A 240 -4.97 0.05 15.81
CA LEU A 240 -5.82 1.02 15.12
C LEU A 240 -5.40 2.45 15.44
N ILE A 241 -5.42 3.30 14.41
CA ILE A 241 -5.14 4.72 14.60
C ILE A 241 -6.44 5.49 14.82
N PRO A 242 -6.53 6.22 15.94
CA PRO A 242 -7.73 7.02 16.23
C PRO A 242 -7.86 8.23 15.30
N THR A 243 -8.08 7.96 14.02
CA THR A 243 -8.23 9.03 13.04
C THR A 243 -9.10 8.56 11.87
N GLU A 244 -9.34 9.47 10.93
CA GLU A 244 -10.16 9.16 9.77
CA GLU A 244 -10.16 9.16 9.77
C GLU A 244 -9.32 9.15 8.49
N GLY A 245 -9.71 8.30 7.54
CA GLY A 245 -9.06 8.31 6.24
C GLY A 245 -8.29 7.07 5.85
N HIS A 246 -7.85 7.06 4.59
CA HIS A 246 -7.13 5.93 4.01
C HIS A 246 -5.62 6.18 4.04
N LEU A 247 -5.24 7.46 4.22
CA LEU A 247 -3.82 7.83 4.25
C LEU A 247 -3.45 8.52 5.56
N PRO A 248 -3.47 7.78 6.68
CA PRO A 248 -3.21 8.42 7.97
C PRO A 248 -1.78 8.92 8.12
N HIS A 249 -0.85 8.29 7.40
CA HIS A 249 0.55 8.69 7.45
C HIS A 249 0.80 10.02 6.75
N LEU A 250 -0.21 10.50 6.03
CA LEU A 250 -0.14 11.80 5.38
C LEU A 250 -1.12 12.79 6.00
N SER A 251 -2.32 12.31 6.31
CA SER A 251 -3.39 13.17 6.83
C SER A 251 -3.21 13.45 8.33
N ALA A 252 -2.70 12.47 9.06
CA ALA A 252 -2.49 12.65 10.50
C ALA A 252 -1.14 12.07 10.94
N PRO A 253 -0.04 12.71 10.53
CA PRO A 253 1.31 12.19 10.82
C PRO A 253 1.65 12.21 12.31
N ASP A 254 1.14 13.21 13.03
CA ASP A 254 1.49 13.38 14.45
C ASP A 254 1.14 12.15 15.29
N ILE A 255 0.08 11.44 14.92
CA ILE A 255 -0.34 10.26 15.66
C ILE A 255 -0.03 8.95 14.93
N THR A 256 0.22 9.04 13.62
CA THR A 256 0.46 7.86 12.81
C THR A 256 1.94 7.47 12.79
N ILE A 257 2.81 8.45 12.58
CA ILE A 257 4.24 8.19 12.50
C ILE A 257 4.82 7.52 13.77
N PRO A 258 4.45 7.99 14.98
CA PRO A 258 4.97 7.29 16.16
C PRO A 258 4.55 5.81 16.21
N VAL A 259 3.36 5.51 15.72
CA VAL A 259 2.88 4.12 15.69
C VAL A 259 3.69 3.30 14.69
N LEU A 260 3.97 3.89 13.54
CA LEU A 260 4.75 3.21 12.50
C LEU A 260 6.18 2.95 12.97
N ILE A 261 6.78 3.94 13.63
CA ILE A 261 8.14 3.81 14.17
C ILE A 261 8.22 2.66 15.16
N ARG A 262 7.23 2.57 16.05
CA ARG A 262 7.19 1.51 17.05
C ARG A 262 7.15 0.13 16.42
N HIS A 263 6.22 -0.07 15.48
CA HIS A 263 6.03 -1.37 14.87
C HIS A 263 7.19 -1.75 13.94
N ILE A 264 7.91 -0.75 13.45
CA ILE A 264 9.10 -1.00 12.66
C ILE A 264 10.22 -1.54 13.56
N ASN A 265 10.36 -0.94 14.73
CA ASN A 265 11.44 -1.27 15.65
C ASN A 265 11.14 -2.44 16.58
N GLN A 266 9.86 -2.68 16.86
CA GLN A 266 9.46 -3.73 17.78
CA GLN A 266 9.46 -3.73 17.78
C GLN A 266 9.17 -5.05 17.05
N ASP A 267 9.59 -6.15 17.65
CA ASP A 267 9.37 -7.47 17.08
C ASP A 267 8.33 -8.24 17.90
N ILE A 268 7.39 -8.88 17.20
CA ILE A 268 6.38 -9.71 17.85
C ILE A 268 7.05 -10.93 18.49
N ALA A 269 6.73 -11.18 19.75
CA ALA A 269 7.33 -12.30 20.49
C ALA A 269 6.74 -13.63 20.03
N ASP A 270 7.47 -14.71 20.29
CA ASP A 270 7.06 -16.05 19.89
C ASP A 270 5.75 -16.48 20.57
N ASP A 271 5.12 -17.50 19.99
CA ASP A 271 3.82 -18.12 20.34
C ASP A 271 2.76 -17.75 19.31
#